data_1PB7
#
_entry.id   1PB7
#
_cell.length_a   41.660
_cell.length_b   73.020
_cell.length_c   96.850
_cell.angle_alpha   90.00
_cell.angle_beta   90.00
_cell.angle_gamma   90.00
#
_symmetry.space_group_name_H-M   'P 21 21 21'
#
loop_
_entity.id
_entity.type
_entity.pdbx_description
1 polymer 'N-methyl-D-aspartate Receptor Subunit 1'
2 non-polymer GLYCINE
3 water water
#
_entity_poly.entity_id   1
_entity_poly.type   'polypeptide(L)'
_entity_poly.pdbx_seq_one_letter_code
;GMSTRLKIVTIHQEPFVYVKPTMSDGTCKEEFTVNGDPVKKVICTGPNDTSPGSPRHTVPQCCYGFCIDLLIKLARTMNF
TYEVHLVADGKFGTQERVNNSNKKEWNGMMGELLSGQADMIVAPLTINNERAQYIEFSKPFKYQGLTILVKKGTRITGIN
DPRLRNPSDKFIYATVKQSSVDIYFRRQVELSTMYRHMEKHNYESAAEAIQAVRDNKLHAFIWDSAVLEFEASQKCDLVT
TGELFFRSGFGIGMRKDSPWKQNVSLSILKSHENGFMEDLDKTWVRYQECDS
;
_entity_poly.pdbx_strand_id   A
#
# COMPACT_ATOMS: atom_id res chain seq x y z
N THR A 4 -22.75 -13.81 5.46
CA THR A 4 -22.87 -12.67 6.41
C THR A 4 -21.53 -11.94 6.54
N ARG A 5 -20.48 -12.70 6.87
CA ARG A 5 -19.14 -12.14 7.03
C ARG A 5 -18.61 -11.51 5.76
N LEU A 6 -18.10 -10.29 5.86
CA LEU A 6 -17.53 -9.63 4.69
C LEU A 6 -16.14 -10.21 4.46
N LYS A 7 -15.81 -10.44 3.20
CA LYS A 7 -14.49 -10.94 2.83
C LYS A 7 -13.62 -9.72 2.59
N ILE A 8 -12.65 -9.50 3.46
CA ILE A 8 -11.76 -8.35 3.36
C ILE A 8 -10.44 -8.79 2.75
N VAL A 9 -9.97 -8.08 1.73
CA VAL A 9 -8.67 -8.41 1.16
C VAL A 9 -7.74 -7.26 1.49
N THR A 10 -6.50 -7.62 1.83
CA THR A 10 -5.48 -6.64 2.15
C THR A 10 -4.15 -7.09 1.57
N ILE A 11 -3.09 -6.38 1.89
CA ILE A 11 -1.77 -6.67 1.32
C ILE A 11 -0.70 -6.26 2.32
N HIS A 12 0.43 -6.95 2.31
CA HIS A 12 1.53 -6.60 3.22
C HIS A 12 2.08 -5.23 2.79
N GLN A 13 2.12 -4.30 3.74
CA GLN A 13 2.65 -2.96 3.43
C GLN A 13 2.83 -2.19 4.72
N GLU A 14 4.02 -2.31 5.32
CA GLU A 14 4.27 -1.62 6.58
C GLU A 14 4.31 -0.11 6.32
N PRO A 15 3.82 0.71 7.27
CA PRO A 15 3.22 0.43 8.58
C PRO A 15 1.70 0.24 8.59
N PHE A 16 1.11 0.11 7.41
CA PHE A 16 -0.33 -0.07 7.30
C PHE A 16 -0.78 -1.49 7.60
N VAL A 17 -0.02 -2.46 7.10
CA VAL A 17 -0.32 -3.85 7.35
C VAL A 17 0.96 -4.64 7.53
N TYR A 18 1.16 -5.11 8.76
CA TYR A 18 2.29 -5.96 9.09
C TYR A 18 1.73 -7.37 8.97
N VAL A 19 2.57 -8.29 8.52
CA VAL A 19 2.20 -9.69 8.35
C VAL A 19 3.29 -10.54 8.99
N LYS A 20 2.93 -11.33 9.99
CA LYS A 20 3.87 -12.18 10.71
C LYS A 20 3.34 -13.58 10.90
N PRO A 21 4.23 -14.54 11.11
CA PRO A 21 3.76 -15.91 11.31
C PRO A 21 3.07 -16.01 12.67
N THR A 22 2.16 -16.97 12.80
CA THR A 22 1.51 -17.19 14.06
C THR A 22 2.53 -17.92 14.92
N MET A 23 2.28 -18.00 16.23
CA MET A 23 3.17 -18.71 17.12
C MET A 23 2.92 -20.20 16.86
N SER A 24 3.74 -21.05 17.47
CA SER A 24 3.59 -22.49 17.27
C SER A 24 2.19 -23.01 17.61
N ASP A 25 1.49 -22.37 18.55
CA ASP A 25 0.15 -22.82 18.91
C ASP A 25 -0.96 -22.20 18.07
N GLY A 26 -0.58 -21.42 17.06
CA GLY A 26 -1.58 -20.82 16.18
C GLY A 26 -2.11 -19.46 16.57
N THR A 27 -1.71 -18.96 17.73
CA THR A 27 -2.17 -17.64 18.18
C THR A 27 -1.19 -16.58 17.73
N CYS A 28 -1.52 -15.32 18.01
CA CYS A 28 -0.66 -14.19 17.64
C CYS A 28 0.05 -13.67 18.88
N LYS A 29 1.36 -13.45 18.76
CA LYS A 29 2.16 -12.96 19.87
C LYS A 29 1.57 -11.72 20.53
N GLU A 30 1.57 -11.68 21.86
CA GLU A 30 1.03 -10.52 22.56
C GLU A 30 2.05 -9.40 22.56
N GLU A 31 1.70 -8.28 21.93
CA GLU A 31 2.60 -7.13 21.87
C GLU A 31 1.85 -5.86 22.28
N PHE A 32 2.60 -4.80 22.53
CA PHE A 32 2.01 -3.54 22.96
C PHE A 32 2.53 -2.37 22.13
N THR A 33 1.67 -1.39 21.95
CA THR A 33 2.01 -0.20 21.17
C THR A 33 2.92 0.71 21.98
N VAL A 34 3.30 1.82 21.36
CA VAL A 34 4.16 2.80 22.00
C VAL A 34 3.44 3.41 23.20
N ASN A 35 2.11 3.37 23.19
CA ASN A 35 1.30 3.93 24.28
C ASN A 35 1.07 2.90 25.40
N GLY A 36 1.52 1.66 25.18
CA GLY A 36 1.33 0.63 26.19
C GLY A 36 0.06 -0.18 26.04
N ASP A 37 -0.72 0.09 24.99
CA ASP A 37 -1.96 -0.62 24.75
C ASP A 37 -1.72 -1.89 23.95
N PRO A 38 -2.60 -2.89 24.10
CA PRO A 38 -2.38 -4.13 23.34
C PRO A 38 -2.49 -3.86 21.85
N VAL A 39 -1.60 -4.46 21.07
CA VAL A 39 -1.66 -4.33 19.63
C VAL A 39 -2.79 -5.27 19.18
N LYS A 40 -3.77 -4.73 18.46
CA LYS A 40 -4.88 -5.54 17.97
C LYS A 40 -4.40 -6.37 16.79
N LYS A 41 -4.59 -7.68 16.88
CA LYS A 41 -4.15 -8.58 15.82
C LYS A 41 -5.28 -9.42 15.27
N VAL A 42 -5.32 -9.56 13.96
CA VAL A 42 -6.35 -10.36 13.30
C VAL A 42 -5.67 -11.47 12.52
N ILE A 43 -6.38 -12.58 12.35
CA ILE A 43 -5.85 -13.68 11.57
C ILE A 43 -6.11 -13.34 10.11
N CYS A 44 -5.08 -13.45 9.29
CA CYS A 44 -5.22 -13.18 7.86
C CYS A 44 -4.57 -14.34 7.12
N THR A 45 -5.37 -15.02 6.30
CA THR A 45 -4.86 -16.15 5.53
C THR A 45 -4.26 -15.66 4.22
N GLY A 46 -3.17 -16.28 3.80
CA GLY A 46 -2.56 -15.88 2.55
C GLY A 46 -1.27 -16.60 2.28
N PRO A 47 -0.66 -16.36 1.11
CA PRO A 47 0.60 -17.03 0.77
C PRO A 47 1.70 -16.65 1.75
N ASN A 48 2.55 -17.62 2.06
CA ASN A 48 3.66 -17.40 3.00
C ASN A 48 4.87 -16.81 2.28
N HIS A 57 2.60 -21.66 -0.42
CA HIS A 57 1.66 -22.23 0.55
C HIS A 57 0.82 -21.13 1.21
N THR A 58 -0.49 -21.36 1.28
CA THR A 58 -1.40 -20.41 1.90
C THR A 58 -1.73 -20.89 3.31
N VAL A 59 -1.44 -20.04 4.30
CA VAL A 59 -1.66 -20.38 5.69
C VAL A 59 -2.13 -19.20 6.53
N PRO A 60 -2.64 -19.47 7.75
CA PRO A 60 -3.11 -18.40 8.63
C PRO A 60 -1.88 -17.64 9.14
N GLN A 61 -1.94 -16.32 9.10
CA GLN A 61 -0.85 -15.48 9.58
C GLN A 61 -1.45 -14.40 10.46
N CYS A 62 -0.61 -13.60 11.10
CA CYS A 62 -1.06 -12.52 11.96
C CYS A 62 -0.88 -11.17 11.28
N CYS A 63 -1.93 -10.37 11.28
CA CYS A 63 -1.90 -9.05 10.65
C CYS A 63 -2.26 -7.95 11.67
N TYR A 64 -1.58 -6.82 11.56
CA TYR A 64 -1.84 -5.69 12.44
C TYR A 64 -1.27 -4.44 11.77
N GLY A 65 -1.63 -3.28 12.31
CA GLY A 65 -1.15 -2.04 11.75
C GLY A 65 -2.24 -0.99 11.58
N PHE A 66 -1.87 0.13 10.99
CA PHE A 66 -2.77 1.25 10.77
C PHE A 66 -4.09 0.80 10.11
N CYS A 67 -3.98 0.05 9.02
CA CYS A 67 -5.18 -0.38 8.30
C CYS A 67 -6.00 -1.43 9.04
N ILE A 68 -5.34 -2.23 9.88
CA ILE A 68 -6.08 -3.23 10.64
C ILE A 68 -6.85 -2.54 11.75
N ASP A 69 -6.26 -1.53 12.40
CA ASP A 69 -6.98 -0.76 13.42
C ASP A 69 -8.18 -0.07 12.74
N LEU A 70 -7.98 0.42 11.52
CA LEU A 70 -9.06 1.08 10.80
C LEU A 70 -10.20 0.10 10.49
N LEU A 71 -9.84 -1.10 10.03
CA LEU A 71 -10.82 -2.14 9.75
C LEU A 71 -11.64 -2.45 10.99
N ILE A 72 -10.97 -2.61 12.12
CA ILE A 72 -11.66 -2.92 13.37
C ILE A 72 -12.65 -1.81 13.75
N LYS A 73 -12.24 -0.56 13.53
CA LYS A 73 -13.10 0.58 13.83
C LYS A 73 -14.33 0.57 12.91
N LEU A 74 -14.11 0.31 11.62
CA LEU A 74 -15.21 0.26 10.65
C LEU A 74 -16.19 -0.85 11.00
N ALA A 75 -15.66 -2.03 11.31
CA ALA A 75 -16.51 -3.17 11.66
C ALA A 75 -17.37 -2.88 12.88
N ARG A 76 -16.81 -2.23 13.88
CA ARG A 76 -17.56 -1.90 15.09
C ARG A 76 -18.63 -0.86 14.80
N THR A 77 -18.23 0.23 14.13
CA THR A 77 -19.14 1.30 13.80
C THR A 77 -20.29 0.89 12.88
N MET A 78 -19.98 0.05 11.89
CA MET A 78 -20.99 -0.39 10.94
C MET A 78 -21.64 -1.71 11.28
N ASN A 79 -21.24 -2.27 12.41
CA ASN A 79 -21.80 -3.52 12.91
C ASN A 79 -21.73 -4.70 11.93
N PHE A 80 -20.54 -4.97 11.39
CA PHE A 80 -20.41 -6.11 10.49
C PHE A 80 -19.29 -7.03 10.95
N THR A 81 -19.36 -8.28 10.52
CA THR A 81 -18.33 -9.25 10.86
C THR A 81 -17.50 -9.45 9.60
N TYR A 82 -16.30 -10.00 9.76
CA TYR A 82 -15.42 -10.15 8.61
C TYR A 82 -14.39 -11.26 8.73
N GLU A 83 -13.73 -11.53 7.61
CA GLU A 83 -12.66 -12.52 7.53
C GLU A 83 -11.65 -11.86 6.61
N VAL A 84 -10.38 -11.83 7.04
CA VAL A 84 -9.34 -11.18 6.25
C VAL A 84 -8.40 -12.12 5.53
N HIS A 85 -8.08 -11.82 4.28
CA HIS A 85 -7.10 -12.62 3.57
C HIS A 85 -6.17 -11.70 2.78
N LEU A 86 -4.97 -12.18 2.54
CA LEU A 86 -3.97 -11.44 1.77
C LEU A 86 -4.14 -11.75 0.28
N VAL A 87 -4.09 -10.72 -0.55
CA VAL A 87 -4.24 -10.89 -1.99
C VAL A 87 -3.34 -12.02 -2.51
N ALA A 88 -3.93 -12.95 -3.26
CA ALA A 88 -3.17 -14.11 -3.72
C ALA A 88 -1.96 -13.83 -4.58
N ASP A 89 -2.06 -12.86 -5.50
CA ASP A 89 -0.93 -12.56 -6.36
C ASP A 89 0.00 -11.49 -5.80
N GLY A 90 -0.31 -11.01 -4.61
CA GLY A 90 0.51 -10.00 -3.94
C GLY A 90 0.55 -8.61 -4.54
N LYS A 91 -0.36 -8.29 -5.44
CA LYS A 91 -0.36 -7.00 -6.12
C LYS A 91 -1.54 -6.10 -5.75
N PHE A 92 -1.37 -4.80 -5.98
CA PHE A 92 -2.43 -3.84 -5.69
C PHE A 92 -3.50 -3.92 -6.80
N GLY A 93 -3.05 -3.78 -8.05
CA GLY A 93 -3.99 -3.91 -9.16
C GLY A 93 -3.95 -2.98 -10.34
N THR A 94 -3.79 -3.55 -11.53
CA THR A 94 -3.82 -2.82 -12.79
C THR A 94 -4.65 -3.68 -13.76
N GLN A 95 -5.09 -3.08 -14.86
CA GLN A 95 -5.89 -3.80 -15.86
C GLN A 95 -4.94 -4.23 -16.98
N GLU A 96 -4.95 -5.51 -17.31
CA GLU A 96 -4.07 -6.02 -18.35
C GLU A 96 -4.74 -7.09 -19.20
N ARG A 97 -4.20 -7.30 -20.38
CA ARG A 97 -4.71 -8.35 -21.26
C ARG A 97 -4.31 -9.66 -20.61
N VAL A 98 -5.18 -10.66 -20.72
CA VAL A 98 -4.90 -11.95 -20.12
C VAL A 98 -4.95 -13.08 -21.14
N ASN A 99 -4.34 -14.20 -20.76
CA ASN A 99 -4.34 -15.41 -21.58
C ASN A 99 -3.95 -15.18 -23.03
N ASN A 100 -2.97 -14.31 -23.24
CA ASN A 100 -2.50 -14.01 -24.60
C ASN A 100 -3.63 -13.67 -25.56
N SER A 101 -4.63 -12.95 -25.05
CA SER A 101 -5.78 -12.54 -25.85
C SER A 101 -5.95 -11.02 -25.72
N ASN A 102 -7.06 -10.50 -26.22
CA ASN A 102 -7.32 -9.07 -26.11
C ASN A 102 -8.29 -8.77 -24.97
N LYS A 103 -8.69 -9.83 -24.25
CA LYS A 103 -9.60 -9.69 -23.11
C LYS A 103 -8.79 -9.07 -21.96
N LYS A 104 -9.35 -8.05 -21.33
CA LYS A 104 -8.66 -7.39 -20.23
C LYS A 104 -9.34 -7.71 -18.91
N GLU A 105 -8.51 -7.88 -17.88
CA GLU A 105 -9.00 -8.17 -16.54
C GLU A 105 -8.07 -7.48 -15.55
N TRP A 106 -8.60 -7.21 -14.37
CA TRP A 106 -7.80 -6.58 -13.34
C TRP A 106 -7.12 -7.65 -12.52
N ASN A 107 -5.88 -7.38 -12.11
CA ASN A 107 -5.15 -8.30 -11.25
C ASN A 107 -5.13 -7.70 -9.83
N GLY A 108 -4.37 -8.30 -8.92
CA GLY A 108 -4.29 -7.80 -7.56
C GLY A 108 -5.59 -7.73 -6.80
N MET A 109 -5.64 -6.83 -5.82
CA MET A 109 -6.83 -6.66 -4.99
C MET A 109 -8.01 -6.17 -5.83
N MET A 110 -7.73 -5.37 -6.85
CA MET A 110 -8.79 -4.89 -7.74
C MET A 110 -9.51 -6.08 -8.38
N GLY A 111 -8.74 -7.04 -8.89
CA GLY A 111 -9.32 -8.21 -9.53
C GLY A 111 -10.14 -9.04 -8.56
N GLU A 112 -9.64 -9.19 -7.33
CA GLU A 112 -10.36 -9.99 -6.34
C GLU A 112 -11.68 -9.33 -5.94
N LEU A 113 -11.69 -8.00 -5.83
CA LEU A 113 -12.92 -7.31 -5.48
C LEU A 113 -13.95 -7.43 -6.59
N LEU A 114 -13.51 -7.28 -7.84
CA LEU A 114 -14.42 -7.37 -8.98
C LEU A 114 -14.96 -8.78 -9.22
N SER A 115 -14.17 -9.80 -8.86
CA SER A 115 -14.60 -11.18 -9.06
C SER A 115 -15.47 -11.71 -7.93
N GLY A 116 -15.44 -11.04 -6.79
CA GLY A 116 -16.22 -11.50 -5.65
C GLY A 116 -15.39 -12.25 -4.62
N GLN A 117 -14.09 -12.43 -4.91
CA GLN A 117 -13.20 -13.13 -3.96
C GLN A 117 -13.09 -12.25 -2.71
N ALA A 118 -13.36 -10.96 -2.88
CA ALA A 118 -13.33 -10.01 -1.78
C ALA A 118 -14.56 -9.11 -1.87
N ASP A 119 -15.00 -8.59 -0.74
CA ASP A 119 -16.15 -7.69 -0.70
C ASP A 119 -15.69 -6.25 -0.43
N MET A 120 -14.51 -6.11 0.16
CA MET A 120 -13.99 -4.79 0.48
C MET A 120 -12.47 -4.88 0.51
N ILE A 121 -11.81 -3.84 0.01
CA ILE A 121 -10.37 -3.75 0.03
C ILE A 121 -10.02 -2.78 1.17
N VAL A 122 -9.27 -3.25 2.15
CA VAL A 122 -8.87 -2.39 3.26
C VAL A 122 -7.35 -2.45 3.26
N ALA A 123 -6.73 -1.43 2.69
CA ALA A 123 -5.30 -1.38 2.51
C ALA A 123 -4.91 0.01 2.04
N PRO A 124 -3.60 0.27 1.90
CA PRO A 124 -3.17 1.60 1.44
C PRO A 124 -3.34 1.60 -0.08
N LEU A 125 -4.61 1.61 -0.49
CA LEU A 125 -5.04 1.56 -1.88
C LEU A 125 -5.24 2.96 -2.45
N THR A 126 -4.48 3.28 -3.49
CA THR A 126 -4.56 4.58 -4.11
C THR A 126 -5.82 4.79 -4.93
N ILE A 127 -6.45 5.95 -4.70
CA ILE A 127 -7.64 6.36 -5.43
C ILE A 127 -7.15 6.99 -6.73
N ASN A 128 -7.52 6.41 -7.86
CA ASN A 128 -7.16 6.99 -9.16
C ASN A 128 -8.35 6.84 -10.11
N ASN A 129 -8.30 7.57 -11.23
CA ASN A 129 -9.40 7.54 -12.19
C ASN A 129 -9.61 6.19 -12.87
N GLU A 130 -8.52 5.51 -13.21
CA GLU A 130 -8.65 4.22 -13.87
C GLU A 130 -9.45 3.23 -13.04
N ARG A 131 -9.12 3.13 -11.76
CA ARG A 131 -9.82 2.22 -10.85
C ARG A 131 -11.24 2.68 -10.57
N ALA A 132 -11.45 3.99 -10.48
CA ALA A 132 -12.79 4.51 -10.19
C ALA A 132 -13.79 4.21 -11.31
N GLN A 133 -13.29 3.84 -12.49
CA GLN A 133 -14.17 3.51 -13.60
C GLN A 133 -14.82 2.15 -13.35
N TYR A 134 -14.17 1.33 -12.53
CA TYR A 134 -14.64 -0.02 -12.23
C TYR A 134 -15.14 -0.28 -10.82
N ILE A 135 -14.62 0.44 -9.84
CA ILE A 135 -15.05 0.25 -8.45
C ILE A 135 -15.36 1.59 -7.80
N GLU A 136 -15.87 1.52 -6.57
CA GLU A 136 -16.19 2.72 -5.81
C GLU A 136 -15.20 2.87 -4.66
N PHE A 137 -14.79 4.11 -4.39
CA PHE A 137 -13.87 4.40 -3.31
C PHE A 137 -14.57 5.24 -2.26
N SER A 138 -14.13 5.07 -1.02
CA SER A 138 -14.64 5.90 0.07
C SER A 138 -13.85 7.21 -0.09
N LYS A 139 -14.22 8.22 0.69
CA LYS A 139 -13.44 9.45 0.69
C LYS A 139 -12.09 8.98 1.25
N PRO A 140 -11.01 9.74 0.99
CA PRO A 140 -9.70 9.31 1.50
C PRO A 140 -9.57 9.16 3.01
N PHE A 141 -8.94 8.08 3.46
CA PHE A 141 -8.70 7.91 4.89
C PHE A 141 -7.31 8.44 5.23
N LYS A 142 -6.50 8.66 4.19
CA LYS A 142 -5.16 9.22 4.34
C LYS A 142 -4.80 10.04 3.11
N TYR A 143 -4.20 11.20 3.35
CA TYR A 143 -3.79 12.10 2.27
C TYR A 143 -2.27 11.97 2.14
N GLN A 144 -1.79 11.62 0.95
CA GLN A 144 -0.35 11.47 0.77
C GLN A 144 0.06 11.78 -0.67
N GLY A 145 1.07 11.09 -1.18
CA GLY A 145 1.50 11.35 -2.55
C GLY A 145 2.64 10.45 -2.95
N LEU A 146 3.40 10.88 -3.95
CA LEU A 146 4.53 10.11 -4.44
C LEU A 146 5.85 10.80 -4.15
N THR A 147 6.86 10.01 -3.81
CA THR A 147 8.19 10.53 -3.55
C THR A 147 9.21 9.49 -3.98
N ILE A 148 10.48 9.72 -3.69
CA ILE A 148 11.55 8.81 -4.11
C ILE A 148 12.46 8.46 -2.95
N LEU A 149 12.79 7.18 -2.84
CA LEU A 149 13.66 6.67 -1.78
C LEU A 149 15.02 6.32 -2.34
N VAL A 150 16.09 6.78 -1.68
CA VAL A 150 17.46 6.48 -2.09
C VAL A 150 18.31 6.23 -0.86
N LYS A 151 19.51 5.69 -1.07
CA LYS A 151 20.42 5.43 0.03
C LYS A 151 21.04 6.77 0.43
N LYS A 152 21.27 6.95 1.73
CA LYS A 152 21.88 8.18 2.21
C LYS A 152 23.18 8.38 1.45
N GLY A 153 23.36 9.55 0.87
CA GLY A 153 24.58 9.80 0.12
C GLY A 153 24.28 9.97 -1.36
N THR A 154 23.28 9.24 -1.85
CA THR A 154 22.89 9.33 -3.26
C THR A 154 22.32 10.73 -3.48
N ARG A 155 22.82 11.44 -4.48
CA ARG A 155 22.36 12.80 -4.76
C ARG A 155 21.41 12.95 -5.94
N ILE A 156 20.12 13.06 -5.62
CA ILE A 156 19.07 13.25 -6.62
C ILE A 156 18.16 14.38 -6.15
N THR A 157 17.79 15.27 -7.08
CA THR A 157 16.94 16.41 -6.76
C THR A 157 15.47 16.08 -6.58
N GLY A 158 14.98 15.17 -7.41
CA GLY A 158 13.59 14.78 -7.35
C GLY A 158 13.22 14.11 -8.66
N ILE A 159 11.93 14.14 -8.99
CA ILE A 159 11.45 13.50 -10.21
C ILE A 159 12.00 14.12 -11.49
N ASN A 160 12.58 15.32 -11.39
CA ASN A 160 13.13 16.00 -12.56
C ASN A 160 14.63 15.86 -12.70
N ASP A 161 15.25 15.05 -11.84
CA ASP A 161 16.69 14.87 -11.90
C ASP A 161 17.12 14.26 -13.24
N PRO A 162 18.21 14.77 -13.82
CA PRO A 162 18.67 14.23 -15.12
C PRO A 162 18.95 12.73 -15.12
N ARG A 163 19.35 12.17 -13.97
CA ARG A 163 19.61 10.73 -13.92
C ARG A 163 18.33 9.91 -14.00
N LEU A 164 17.19 10.58 -13.88
CA LEU A 164 15.90 9.92 -14.00
C LEU A 164 15.32 10.27 -15.37
N ARG A 165 15.47 11.52 -15.79
CA ARG A 165 14.93 11.97 -17.07
C ARG A 165 15.75 11.54 -18.28
N ASN A 166 17.02 11.23 -18.08
CA ASN A 166 17.92 10.78 -19.14
C ASN A 166 18.48 9.46 -18.63
N PRO A 167 17.62 8.42 -18.59
CA PRO A 167 17.93 7.06 -18.13
C PRO A 167 19.18 6.41 -18.68
N SER A 168 19.90 5.74 -17.79
CA SER A 168 21.13 5.04 -18.13
C SER A 168 21.29 3.83 -17.21
N ASP A 169 22.00 2.82 -17.67
CA ASP A 169 22.22 1.61 -16.87
C ASP A 169 23.13 1.89 -15.69
N LYS A 170 23.63 3.11 -15.58
CA LYS A 170 24.51 3.50 -14.49
C LYS A 170 23.72 3.84 -13.23
N PHE A 171 22.48 4.27 -13.42
CA PHE A 171 21.61 4.64 -12.31
C PHE A 171 20.24 4.00 -12.51
N ILE A 172 20.00 2.89 -11.82
CA ILE A 172 18.76 2.15 -11.95
C ILE A 172 17.66 2.59 -10.98
N TYR A 173 16.46 2.80 -11.50
CA TYR A 173 15.34 3.17 -10.66
C TYR A 173 14.12 2.37 -11.08
N ALA A 174 13.18 2.22 -10.17
CA ALA A 174 12.00 1.42 -10.44
C ALA A 174 10.89 1.66 -9.46
N THR A 175 9.78 0.99 -9.69
CA THR A 175 8.64 1.05 -8.78
C THR A 175 8.14 -0.39 -8.61
N VAL A 176 6.93 -0.54 -8.10
CA VAL A 176 6.34 -1.87 -7.91
C VAL A 176 5.43 -2.23 -9.09
N LYS A 177 5.58 -3.45 -9.60
CA LYS A 177 4.77 -3.93 -10.71
C LYS A 177 3.28 -3.94 -10.36
N GLN A 178 2.44 -3.72 -11.37
CA GLN A 178 0.99 -3.78 -11.21
C GLN A 178 0.46 -2.94 -10.05
N SER A 179 0.93 -1.70 -9.98
CA SER A 179 0.53 -0.76 -8.93
C SER A 179 0.08 0.55 -9.55
N SER A 180 -0.48 1.42 -8.70
CA SER A 180 -0.93 2.73 -9.16
C SER A 180 0.25 3.56 -9.67
N VAL A 181 1.43 3.35 -9.11
CA VAL A 181 2.58 4.12 -9.56
C VAL A 181 2.97 3.68 -10.96
N ASP A 182 2.85 2.39 -11.24
CA ASP A 182 3.18 1.89 -12.57
C ASP A 182 2.27 2.58 -13.58
N ILE A 183 0.98 2.65 -13.27
CA ILE A 183 -0.01 3.28 -14.14
C ILE A 183 0.22 4.78 -14.31
N TYR A 184 0.63 5.44 -13.23
CA TYR A 184 0.89 6.87 -13.27
C TYR A 184 1.90 7.16 -14.37
N PHE A 185 2.95 6.35 -14.46
CA PHE A 185 3.97 6.56 -15.48
C PHE A 185 3.59 6.03 -16.86
N ARG A 186 2.80 4.96 -16.89
CA ARG A 186 2.38 4.35 -18.16
C ARG A 186 1.38 5.19 -18.94
N ARG A 187 0.54 5.93 -18.25
CA ARG A 187 -0.49 6.74 -18.90
C ARG A 187 -0.07 8.16 -19.27
N GLN A 188 1.21 8.48 -19.11
CA GLN A 188 1.67 9.83 -19.46
C GLN A 188 2.79 9.83 -20.49
N VAL A 189 2.48 10.34 -21.69
CA VAL A 189 3.44 10.40 -22.78
C VAL A 189 4.74 11.09 -22.41
N GLU A 190 4.65 12.14 -21.60
CA GLU A 190 5.83 12.88 -21.17
C GLU A 190 6.76 12.04 -20.31
N LEU A 191 6.23 10.98 -19.72
CA LEU A 191 7.03 10.10 -18.87
C LEU A 191 7.41 8.79 -19.56
N SER A 192 7.24 8.73 -20.87
CA SER A 192 7.55 7.54 -21.65
C SER A 192 8.97 7.01 -21.46
N THR A 193 9.95 7.91 -21.50
CA THR A 193 11.34 7.50 -21.33
C THR A 193 11.58 6.86 -19.96
N MET A 194 10.98 7.45 -18.93
CA MET A 194 11.12 6.93 -17.58
C MET A 194 10.41 5.58 -17.44
N TYR A 195 9.20 5.51 -17.99
CA TYR A 195 8.41 4.29 -17.95
C TYR A 195 9.14 3.12 -18.61
N ARG A 196 9.73 3.39 -19.77
CA ARG A 196 10.47 2.37 -20.51
C ARG A 196 11.64 1.82 -19.70
N HIS A 197 12.28 2.68 -18.90
CA HIS A 197 13.41 2.25 -18.09
C HIS A 197 12.95 1.40 -16.91
N MET A 198 11.95 1.90 -16.18
CA MET A 198 11.45 1.16 -15.03
C MET A 198 10.84 -0.19 -15.38
N GLU A 199 10.20 -0.27 -16.54
CA GLU A 199 9.58 -1.52 -16.98
C GLU A 199 10.56 -2.69 -16.93
N LYS A 200 11.83 -2.40 -17.10
CA LYS A 200 12.86 -3.43 -17.09
C LYS A 200 13.42 -3.71 -15.69
N HIS A 201 12.98 -2.94 -14.71
CA HIS A 201 13.50 -3.12 -13.36
C HIS A 201 12.48 -3.21 -12.22
N ASN A 202 11.21 -3.03 -12.53
CA ASN A 202 10.19 -3.06 -11.47
C ASN A 202 10.22 -4.30 -10.59
N TYR A 203 9.89 -4.10 -9.31
CA TYR A 203 9.90 -5.17 -8.31
C TYR A 203 8.50 -5.73 -8.04
N GLU A 204 8.46 -6.94 -7.47
CA GLU A 204 7.19 -7.59 -7.15
C GLU A 204 6.50 -6.99 -5.93
N SER A 205 7.28 -6.41 -5.03
CA SER A 205 6.72 -5.82 -3.80
C SER A 205 7.57 -4.65 -3.33
N ALA A 206 6.95 -3.79 -2.53
CA ALA A 206 7.64 -2.62 -2.01
C ALA A 206 8.79 -3.05 -1.09
N ALA A 207 8.57 -4.05 -0.25
CA ALA A 207 9.62 -4.50 0.65
C ALA A 207 10.87 -4.92 -0.09
N GLU A 208 10.70 -5.62 -1.19
CA GLU A 208 11.86 -6.09 -1.96
C GLU A 208 12.60 -4.91 -2.57
N ALA A 209 11.87 -3.91 -3.06
CA ALA A 209 12.49 -2.73 -3.66
C ALA A 209 13.27 -1.94 -2.60
N ILE A 210 12.68 -1.78 -1.42
CA ILE A 210 13.33 -1.06 -0.34
C ILE A 210 14.62 -1.77 0.07
N GLN A 211 14.56 -3.09 0.17
CA GLN A 211 15.74 -3.86 0.54
C GLN A 211 16.81 -3.70 -0.54
N ALA A 212 16.40 -3.67 -1.80
CA ALA A 212 17.35 -3.50 -2.90
C ALA A 212 18.07 -2.15 -2.83
N VAL A 213 17.37 -1.10 -2.41
CA VAL A 213 18.02 0.21 -2.28
C VAL A 213 19.04 0.12 -1.16
N ARG A 214 18.67 -0.51 -0.06
CA ARG A 214 19.56 -0.68 1.08
C ARG A 214 20.81 -1.49 0.70
N ASP A 215 20.65 -2.47 -0.18
CA ASP A 215 21.76 -3.32 -0.62
C ASP A 215 22.52 -2.79 -1.83
N ASN A 216 22.20 -1.57 -2.25
CA ASN A 216 22.87 -0.95 -3.39
C ASN A 216 22.62 -1.66 -4.72
N LYS A 217 21.49 -2.34 -4.84
CA LYS A 217 21.13 -3.04 -6.07
C LYS A 217 20.13 -2.22 -6.88
N LEU A 218 19.47 -1.28 -6.21
CA LEU A 218 18.52 -0.38 -6.85
C LEU A 218 18.94 1.00 -6.36
N HIS A 219 19.08 1.95 -7.27
CA HIS A 219 19.53 3.27 -6.86
C HIS A 219 18.41 4.22 -6.39
N ALA A 220 17.20 4.02 -6.89
CA ALA A 220 16.09 4.86 -6.47
C ALA A 220 14.78 4.10 -6.64
N PHE A 221 13.90 4.23 -5.64
CA PHE A 221 12.60 3.56 -5.64
C PHE A 221 11.52 4.63 -5.57
N ILE A 222 10.65 4.66 -6.57
CA ILE A 222 9.57 5.62 -6.65
C ILE A 222 8.32 4.97 -6.10
N TRP A 223 7.74 5.57 -5.05
CA TRP A 223 6.61 4.95 -4.40
C TRP A 223 5.82 5.92 -3.51
N ASP A 224 4.80 5.40 -2.84
CA ASP A 224 3.94 6.18 -1.95
C ASP A 224 4.74 6.80 -0.81
N SER A 225 4.54 8.10 -0.61
CA SER A 225 5.24 8.83 0.44
C SER A 225 4.84 8.37 1.85
N ALA A 226 3.60 7.94 2.04
CA ALA A 226 3.20 7.50 3.37
C ALA A 226 4.08 6.32 3.81
N VAL A 227 4.40 5.46 2.84
CA VAL A 227 5.23 4.29 3.10
C VAL A 227 6.72 4.65 3.11
N LEU A 228 7.17 5.39 2.11
CA LEU A 228 8.59 5.74 2.03
C LEU A 228 9.10 6.63 3.15
N GLU A 229 8.30 7.61 3.59
CA GLU A 229 8.76 8.47 4.67
C GLU A 229 8.84 7.67 5.98
N PHE A 230 7.96 6.70 6.15
CA PHE A 230 8.03 5.88 7.35
C PHE A 230 9.30 5.02 7.29
N GLU A 231 9.51 4.34 6.17
CA GLU A 231 10.69 3.49 5.99
C GLU A 231 11.99 4.29 6.18
N ALA A 232 12.06 5.45 5.53
CA ALA A 232 13.26 6.28 5.66
C ALA A 232 13.45 6.82 7.10
N SER A 233 12.36 7.05 7.81
CA SER A 233 12.46 7.54 9.19
C SER A 233 12.79 6.45 10.19
N GLN A 234 12.68 5.19 9.78
CA GLN A 234 12.99 4.09 10.68
C GLN A 234 14.39 3.51 10.40
N LYS A 235 14.93 3.83 9.23
CA LYS A 235 16.24 3.33 8.79
C LYS A 235 17.12 4.52 8.43
N CYS A 236 18.13 4.77 9.27
CA CYS A 236 18.95 5.93 9.05
C CYS A 236 19.91 5.91 7.84
N ASP A 237 19.93 4.79 7.12
CA ASP A 237 20.74 4.64 5.90
C ASP A 237 19.90 4.94 4.66
N LEU A 238 18.60 5.19 4.87
CA LEU A 238 17.67 5.50 3.78
C LEU A 238 17.03 6.87 3.95
N VAL A 239 16.88 7.59 2.85
CA VAL A 239 16.24 8.91 2.88
C VAL A 239 15.32 9.09 1.68
N THR A 240 14.46 10.10 1.73
CA THR A 240 13.59 10.40 0.61
C THR A 240 14.03 11.75 0.04
N THR A 241 13.55 12.05 -1.16
CA THR A 241 13.92 13.29 -1.85
C THR A 241 13.13 14.55 -1.49
N GLY A 242 12.52 14.57 -0.30
CA GLY A 242 11.81 15.75 0.14
C GLY A 242 10.35 15.91 -0.25
N GLU A 243 10.06 17.00 -0.96
CA GLU A 243 8.70 17.31 -1.40
C GLU A 243 8.10 16.24 -2.31
N LEU A 244 6.79 16.07 -2.21
CA LEU A 244 6.06 15.10 -3.02
C LEU A 244 5.88 15.68 -4.41
N PHE A 245 5.96 14.86 -5.46
CA PHE A 245 5.80 15.37 -6.82
C PHE A 245 4.40 15.14 -7.36
N PHE A 246 3.56 14.51 -6.55
CA PHE A 246 2.17 14.24 -6.90
C PHE A 246 1.41 13.93 -5.61
N ARG A 247 0.15 14.33 -5.54
CA ARG A 247 -0.65 14.09 -4.37
C ARG A 247 -1.81 13.15 -4.69
N SER A 248 -2.10 12.24 -3.77
CA SER A 248 -3.17 11.29 -3.96
C SER A 248 -3.57 10.74 -2.61
N GLY A 249 -4.77 10.19 -2.52
CA GLY A 249 -5.21 9.63 -1.26
C GLY A 249 -5.40 8.14 -1.30
N PHE A 250 -5.50 7.55 -0.11
CA PHE A 250 -5.77 6.12 0.03
C PHE A 250 -7.25 6.03 0.40
N GLY A 251 -7.95 5.07 -0.18
CA GLY A 251 -9.36 4.91 0.15
C GLY A 251 -9.73 3.45 0.28
N ILE A 252 -10.89 3.21 0.88
CA ILE A 252 -11.42 1.85 1.03
C ILE A 252 -12.08 1.56 -0.33
N GLY A 253 -11.90 0.34 -0.83
CA GLY A 253 -12.49 -0.02 -2.12
C GLY A 253 -13.65 -0.97 -1.99
N MET A 254 -14.72 -0.72 -2.76
CA MET A 254 -15.90 -1.57 -2.75
C MET A 254 -16.42 -1.66 -4.19
N ARG A 255 -17.26 -2.65 -4.48
CA ARG A 255 -17.83 -2.75 -5.82
C ARG A 255 -18.83 -1.60 -5.97
N LYS A 256 -19.06 -1.16 -7.20
CA LYS A 256 -20.02 -0.09 -7.40
C LYS A 256 -21.41 -0.51 -6.97
N ASP A 257 -22.19 0.45 -6.49
CA ASP A 257 -23.55 0.19 -6.03
C ASP A 257 -23.56 -0.76 -4.84
N SER A 258 -22.56 -0.59 -3.97
CA SER A 258 -22.44 -1.40 -2.77
C SER A 258 -23.30 -0.78 -1.68
N PRO A 259 -23.73 -1.59 -0.72
CA PRO A 259 -24.56 -1.09 0.37
C PRO A 259 -23.72 -0.51 1.50
N TRP A 260 -22.40 -0.53 1.34
CA TRP A 260 -21.50 -0.04 2.39
C TRP A 260 -20.86 1.33 2.16
N LYS A 261 -20.86 1.81 0.91
CA LYS A 261 -20.23 3.07 0.56
C LYS A 261 -20.54 4.28 1.45
N GLN A 262 -21.81 4.62 1.57
CA GLN A 262 -22.21 5.77 2.37
C GLN A 262 -21.73 5.67 3.82
N ASN A 263 -21.95 4.53 4.45
CA ASN A 263 -21.55 4.33 5.83
C ASN A 263 -20.04 4.27 6.04
N VAL A 264 -19.31 3.74 5.07
CA VAL A 264 -17.86 3.70 5.20
C VAL A 264 -17.33 5.15 5.18
N SER A 265 -17.82 5.96 4.26
CA SER A 265 -17.37 7.34 4.21
C SER A 265 -17.81 8.12 5.44
N LEU A 266 -18.98 7.81 6.00
CA LEU A 266 -19.42 8.50 7.21
C LEU A 266 -18.46 8.17 8.36
N SER A 267 -18.02 6.93 8.44
CA SER A 267 -17.10 6.52 9.49
C SER A 267 -15.76 7.23 9.33
N ILE A 268 -15.27 7.28 8.09
CA ILE A 268 -13.99 7.93 7.81
C ILE A 268 -14.08 9.42 8.14
N LEU A 269 -15.21 10.05 7.82
CA LEU A 269 -15.41 11.46 8.13
C LEU A 269 -15.30 11.65 9.65
N LYS A 270 -16.02 10.84 10.41
CA LYS A 270 -15.98 10.95 11.86
C LYS A 270 -14.55 10.81 12.40
N SER A 271 -13.80 9.85 11.84
CA SER A 271 -12.43 9.62 12.29
C SER A 271 -11.49 10.78 11.98
N HIS A 272 -11.75 11.50 10.89
CA HIS A 272 -10.94 12.68 10.56
C HIS A 272 -11.36 13.82 11.49
N GLU A 273 -12.62 13.83 11.93
CA GLU A 273 -13.13 14.91 12.79
C GLU A 273 -12.78 14.81 14.28
N ASN A 274 -12.68 13.59 14.79
CA ASN A 274 -12.49 13.41 16.23
C ASN A 274 -11.12 13.00 16.75
N GLY A 275 -10.10 13.01 15.90
CA GLY A 275 -8.77 12.65 16.32
C GLY A 275 -8.37 11.19 16.16
N PHE A 276 -9.29 10.33 15.76
CA PHE A 276 -8.95 8.90 15.62
C PHE A 276 -7.85 8.70 14.58
N MET A 277 -7.99 9.31 13.41
CA MET A 277 -6.98 9.15 12.37
C MET A 277 -5.64 9.71 12.83
N GLU A 278 -5.67 10.85 13.51
CA GLU A 278 -4.45 11.46 14.01
C GLU A 278 -3.79 10.52 15.02
N ASP A 279 -4.60 9.87 15.85
CA ASP A 279 -4.03 8.95 16.83
C ASP A 279 -3.39 7.74 16.14
N LEU A 280 -3.97 7.28 15.04
CA LEU A 280 -3.38 6.17 14.32
C LEU A 280 -1.99 6.60 13.81
N ASP A 281 -1.85 7.85 13.39
CA ASP A 281 -0.53 8.30 12.93
C ASP A 281 0.48 8.29 14.08
N LYS A 282 0.06 8.71 15.27
CA LYS A 282 0.96 8.74 16.42
C LYS A 282 1.29 7.33 16.93
N THR A 283 0.46 6.37 16.58
CA THR A 283 0.68 5.00 17.02
C THR A 283 1.51 4.20 16.03
N TRP A 284 1.23 4.39 14.74
CA TRP A 284 1.88 3.61 13.68
C TRP A 284 2.87 4.30 12.76
N VAL A 285 2.89 5.61 12.75
CA VAL A 285 3.78 6.28 11.81
C VAL A 285 4.88 7.14 12.43
N ARG A 286 4.51 8.08 13.29
CA ARG A 286 5.51 8.95 13.89
C ARG A 286 5.54 8.77 15.39
N TYR A 287 6.53 8.05 15.88
CA TYR A 287 6.61 7.78 17.31
C TYR A 287 7.99 7.52 17.90
N GLN A 288 9.01 7.32 17.07
CA GLN A 288 10.35 7.07 17.58
C GLN A 288 11.41 7.34 16.53
N GLU A 289 12.68 7.38 16.96
CA GLU A 289 13.77 7.62 16.02
C GLU A 289 14.16 6.33 15.32
N CYS A 290 15.01 6.45 14.29
CA CYS A 290 15.43 5.29 13.52
C CYS A 290 16.11 4.25 14.38
N ASP A 291 15.92 2.98 14.05
CA ASP A 291 16.50 1.90 14.82
C ASP A 291 16.57 0.59 14.04
N SER A 292 16.19 0.63 12.76
CA SER A 292 16.19 -0.59 11.95
C SER A 292 17.02 -0.54 10.68
#